data_5YLL
#
_entry.id   5YLL
#
_cell.length_a   62.602
_cell.length_b   69.960
_cell.length_c   186.284
_cell.angle_alpha   90.00
_cell.angle_beta   90.00
_cell.angle_gamma   90.00
#
_symmetry.space_group_name_H-M   'P 21 21 21'
#
loop_
_entity.id
_entity.type
_entity.pdbx_description
1 polymer beta-1,4-mannanase
2 branched beta-D-mannopyranose-(1-4)-beta-D-mannopyranose-(1-4)-beta-D-mannopyranose
3 water water
#
_entity_poly.entity_id   1
_entity_poly.type   'polypeptide(L)'
_entity_poly.pdbx_seq_one_letter_code
;MEFIKGFTFGWDSQKGYFKTERAKESLRLMQERTASEYVIVALAALQDTAHSTEVDFQGSHMVDDDELIELIDYAKSLGL
KVILKPTVNCRNGTWRAHINFFDMDIPGEPTWDEWFESYINYQKHYAKIAEKTNCEMFVVGCEMVQAERREDKWRELIAE
VRKDYRGLVTYNTDKYQEDNVKFWDALDVISSSGYYPINDWDRQLDRIEAVVKQYDKPFFFVAAGCPSRSGSALLPNKWD
LEGAINLQEQADYYQVMFEKTASRSWVGGFGLWDWQTYLYDEKDATKNDDYGVFGKPAERVIKAYYQSR
;
_entity_poly.pdbx_strand_id   B,A
#
# COMPACT_ATOMS: atom_id res chain seq x y z
N MET A 1 -26.12 6.41 26.16
CA MET A 1 -24.77 6.96 26.22
C MET A 1 -24.80 8.46 26.55
N GLU A 2 -24.28 8.78 27.73
CA GLU A 2 -24.08 10.17 28.12
C GLU A 2 -23.09 10.83 27.18
N PHE A 3 -23.23 12.14 27.02
CA PHE A 3 -22.32 12.90 26.16
C PHE A 3 -20.88 12.74 26.63
N ILE A 4 -20.00 12.36 25.70
CA ILE A 4 -18.61 12.09 26.02
C ILE A 4 -17.81 13.38 25.82
N LYS A 5 -17.27 13.92 26.91
CA LYS A 5 -16.47 15.14 26.85
C LYS A 5 -15.03 14.68 26.91
N GLY A 6 -14.45 14.39 25.74
CA GLY A 6 -13.18 13.70 25.72
C GLY A 6 -12.02 14.45 25.12
N PHE A 7 -10.81 14.04 25.47
CA PHE A 7 -9.61 14.57 24.87
C PHE A 7 -8.60 13.45 24.76
N THR A 8 -7.93 13.38 23.60
CA THR A 8 -6.95 12.34 23.32
C THR A 8 -5.62 12.70 23.97
N PHE A 9 -4.98 11.70 24.60
CA PHE A 9 -3.74 11.86 25.33
C PHE A 9 -2.77 10.74 24.96
N GLY A 10 -1.48 11.07 24.95
CA GLY A 10 -0.46 10.04 24.90
C GLY A 10 0.06 9.68 23.53
N TRP A 11 -0.41 10.34 22.47
CA TRP A 11 -0.03 9.95 21.11
C TRP A 11 1.47 10.11 20.88
N ASP A 12 2.10 11.06 21.56
CA ASP A 12 3.53 11.30 21.45
C ASP A 12 4.36 10.41 22.37
N SER A 13 3.73 9.54 23.15
CA SER A 13 4.42 8.86 24.23
C SER A 13 5.41 7.83 23.68
N GLN A 14 6.50 7.67 24.41
CA GLN A 14 7.51 6.65 24.15
C GLN A 14 7.69 5.87 25.44
N LYS A 15 8.43 4.76 25.36
CA LYS A 15 8.65 3.95 26.55
C LYS A 15 9.25 4.83 27.66
N GLY A 16 8.65 4.76 28.85
CA GLY A 16 9.09 5.54 29.98
C GLY A 16 8.37 6.87 30.18
N TYR A 17 7.68 7.40 29.16
CA TYR A 17 7.05 8.71 29.30
C TYR A 17 6.00 8.71 30.42
N PHE A 18 5.21 7.64 30.53
CA PHE A 18 4.12 7.63 31.49
C PHE A 18 4.59 7.48 32.93
N LYS A 19 5.86 7.12 33.14
CA LYS A 19 6.46 7.06 34.48
C LYS A 19 6.63 8.43 35.12
N THR A 20 6.58 9.50 34.35
CA THR A 20 7.18 10.77 34.74
C THR A 20 6.17 11.71 35.38
N GLU A 21 6.68 12.60 36.23
CA GLU A 21 5.87 13.72 36.74
C GLU A 21 5.33 14.56 35.59
N ARG A 22 6.16 14.80 34.57
CA ARG A 22 5.73 15.62 33.43
C ARG A 22 4.47 15.08 32.80
N ALA A 23 4.34 13.76 32.68
CA ALA A 23 3.15 13.16 32.10
C ALA A 23 1.92 13.41 32.97
N LYS A 24 2.05 13.23 34.27
CA LYS A 24 0.92 13.45 35.15
C LYS A 24 0.51 14.92 35.18
N GLU A 25 1.50 15.81 35.19
CA GLU A 25 1.18 17.24 35.21
C GLU A 25 0.45 17.63 33.93
N SER A 26 0.85 17.05 32.80
CA SER A 26 0.16 17.33 31.55
C SER A 26 -1.29 16.85 31.58
N LEU A 27 -1.51 15.66 32.12
CA LEU A 27 -2.88 15.15 32.20
C LEU A 27 -3.73 15.97 33.17
N ARG A 28 -3.14 16.46 34.26
CA ARG A 28 -3.89 17.32 35.16
C ARG A 28 -4.28 18.62 34.46
N LEU A 29 -3.35 19.19 33.68
CA LEU A 29 -3.63 20.41 32.95
C LEU A 29 -4.69 20.19 31.87
N MET A 30 -4.65 19.04 31.19
CA MET A 30 -5.70 18.71 30.24
C MET A 30 -7.07 18.79 30.88
N GLN A 31 -7.24 18.15 32.04
CA GLN A 31 -8.53 18.20 32.73
C GLN A 31 -8.86 19.61 33.20
N GLU A 32 -7.88 20.32 33.76
CA GLU A 32 -8.16 21.66 34.29
C GLU A 32 -8.55 22.62 33.18
N ARG A 33 -7.82 22.59 32.06
CA ARG A 33 -7.99 23.63 31.04
C ARG A 33 -9.14 23.37 30.09
N THR A 34 -9.59 22.12 29.95
CA THR A 34 -10.62 21.78 28.97
C THR A 34 -11.93 21.30 29.58
N ALA A 35 -11.94 20.98 30.89
CA ALA A 35 -13.08 20.35 31.58
C ALA A 35 -13.47 19.02 30.94
N SER A 36 -12.51 18.33 30.33
CA SER A 36 -12.77 16.99 29.82
C SER A 36 -13.11 16.04 30.96
N GLU A 37 -14.02 15.10 30.70
CA GLU A 37 -14.37 14.05 31.65
C GLU A 37 -13.88 12.68 31.21
N TYR A 38 -13.43 12.54 29.97
CA TYR A 38 -12.89 11.32 29.40
C TYR A 38 -11.50 11.60 28.85
N VAL A 39 -10.60 10.65 29.00
CA VAL A 39 -9.33 10.70 28.29
C VAL A 39 -9.27 9.51 27.33
N ILE A 40 -8.94 9.77 26.07
CA ILE A 40 -8.71 8.72 25.08
C ILE A 40 -7.21 8.51 25.05
N VAL A 41 -6.74 7.35 25.51
CA VAL A 41 -5.31 7.04 25.53
C VAL A 41 -5.01 6.34 24.21
N ALA A 42 -4.38 7.08 23.30
CA ALA A 42 -4.14 6.60 21.94
C ALA A 42 -2.69 6.14 21.84
N LEU A 43 -2.51 4.89 21.45
CA LEU A 43 -1.22 4.25 21.36
C LEU A 43 -1.06 3.63 19.99
N ALA A 44 0.18 3.50 19.53
CA ALA A 44 0.45 2.95 18.21
C ALA A 44 1.59 1.94 18.28
N ALA A 45 1.27 0.69 17.99
CA ALA A 45 2.29 -0.30 17.66
C ALA A 45 2.88 0.06 16.28
N LEU A 46 3.90 -0.70 15.88
CA LEU A 46 4.55 -0.45 14.60
C LEU A 46 4.63 -1.73 13.77
N GLN A 47 4.40 -1.59 12.47
CA GLN A 47 4.78 -2.62 11.51
C GLN A 47 5.64 -1.97 10.43
N ASP A 48 6.41 -2.79 9.72
CA ASP A 48 7.46 -2.27 8.83
C ASP A 48 6.87 -1.42 7.69
N THR A 49 5.85 -1.96 7.01
CA THR A 49 5.22 -1.31 5.86
C THR A 49 3.72 -1.57 5.93
N ALA A 50 2.97 -0.94 5.01
CA ALA A 50 1.54 -1.21 4.91
C ALA A 50 1.23 -2.61 4.43
N HIS A 51 2.22 -3.36 3.98
CA HIS A 51 1.98 -4.71 3.48
C HIS A 51 2.82 -5.76 4.20
N SER A 52 3.26 -5.48 5.42
CA SER A 52 3.90 -6.49 6.24
C SER A 52 2.95 -6.96 7.34
N THR A 53 3.24 -8.11 7.93
CA THR A 53 2.25 -8.78 8.77
C THR A 53 2.59 -8.87 10.24
N GLU A 54 3.72 -8.34 10.68
CA GLU A 54 4.09 -8.43 12.09
C GLU A 54 3.88 -7.08 12.76
N VAL A 55 3.18 -7.08 13.89
CA VAL A 55 2.84 -5.88 14.66
C VAL A 55 3.67 -5.89 15.94
N ASP A 56 4.47 -4.86 16.13
CA ASP A 56 5.42 -4.79 17.24
C ASP A 56 4.89 -3.81 18.28
N PHE A 57 4.58 -4.31 19.47
CA PHE A 57 4.13 -3.46 20.56
C PHE A 57 5.06 -3.55 21.76
N GLN A 58 6.33 -3.90 21.55
CA GLN A 58 7.23 -4.07 22.69
C GLN A 58 8.46 -3.17 22.67
N GLY A 59 8.79 -2.54 21.55
CA GLY A 59 9.98 -1.71 21.46
C GLY A 59 9.86 -0.35 22.13
N SER A 60 10.87 0.47 21.89
CA SER A 60 11.01 1.76 22.57
C SER A 60 9.89 2.75 22.23
N HIS A 61 9.16 2.52 21.13
CA HIS A 61 8.05 3.37 20.75
C HIS A 61 6.85 3.22 21.66
N MET A 62 6.79 2.14 22.44
CA MET A 62 5.59 1.73 23.14
C MET A 62 5.82 1.78 24.65
N VAL A 63 4.92 2.47 25.36
CA VAL A 63 5.00 2.46 26.82
C VAL A 63 4.84 1.03 27.30
N ASP A 64 5.51 0.71 28.40
CA ASP A 64 5.39 -0.60 29.01
C ASP A 64 4.02 -0.77 29.66
N ASP A 65 3.64 -2.03 29.90
CA ASP A 65 2.34 -2.30 30.51
C ASP A 65 2.24 -1.68 31.90
N ASP A 66 3.31 -1.77 32.69
CA ASP A 66 3.22 -1.25 34.06
C ASP A 66 2.98 0.25 34.07
N GLU A 67 3.65 1.01 33.20
CA GLU A 67 3.42 2.45 33.20
C GLU A 67 2.08 2.82 32.59
N LEU A 68 1.58 2.01 31.65
CA LEU A 68 0.24 2.26 31.11
C LEU A 68 -0.81 2.09 32.19
N ILE A 69 -0.71 1.01 32.95
CA ILE A 69 -1.61 0.78 34.08
C ILE A 69 -1.50 1.93 35.09
N GLU A 70 -0.28 2.38 35.37
CA GLU A 70 -0.09 3.52 36.27
C GLU A 70 -0.82 4.75 35.78
N LEU A 71 -0.66 5.07 34.48
CA LEU A 71 -1.29 6.28 33.97
C LEU A 71 -2.81 6.17 33.96
N ILE A 72 -3.34 4.99 33.60
CA ILE A 72 -4.79 4.81 33.62
C ILE A 72 -5.33 4.95 35.04
N ASP A 73 -4.68 4.29 36.00
CA ASP A 73 -5.07 4.45 37.40
C ASP A 73 -5.01 5.90 37.84
N TYR A 74 -3.96 6.62 37.43
CA TYR A 74 -3.86 8.02 37.82
C TYR A 74 -4.99 8.85 37.21
N ALA A 75 -5.30 8.61 35.93
CA ALA A 75 -6.45 9.27 35.31
C ALA A 75 -7.72 9.01 36.10
N LYS A 76 -7.93 7.76 36.54
CA LYS A 76 -9.11 7.46 37.34
C LYS A 76 -9.09 8.21 38.66
N SER A 77 -7.90 8.39 39.24
CA SER A 77 -7.79 9.12 40.49
C SER A 77 -8.15 10.59 40.34
N LEU A 78 -8.09 11.12 39.12
CA LEU A 78 -8.54 12.47 38.82
C LEU A 78 -10.03 12.53 38.52
N GLY A 79 -10.71 11.39 38.51
CA GLY A 79 -12.11 11.36 38.15
C GLY A 79 -12.39 11.22 36.68
N LEU A 80 -11.36 10.97 35.86
CA LEU A 80 -11.56 10.77 34.44
C LEU A 80 -12.02 9.34 34.15
N LYS A 81 -12.89 9.20 33.16
CA LYS A 81 -13.13 7.91 32.53
C LYS A 81 -12.13 7.75 31.39
N VAL A 82 -11.80 6.50 31.07
CA VAL A 82 -10.69 6.21 30.18
C VAL A 82 -11.17 5.36 29.00
N ILE A 83 -10.82 5.80 27.80
CA ILE A 83 -11.03 5.03 26.58
C ILE A 83 -9.65 4.64 26.07
N LEU A 84 -9.43 3.34 25.87
CA LEU A 84 -8.14 2.84 25.39
C LEU A 84 -8.21 2.59 23.88
N LYS A 85 -7.26 3.15 23.12
CA LYS A 85 -7.28 3.13 21.66
C LYS A 85 -5.93 2.67 21.13
N PRO A 86 -5.68 1.34 21.09
CA PRO A 86 -4.41 0.86 20.52
C PRO A 86 -4.50 0.71 19.01
N THR A 87 -3.71 1.47 18.25
CA THR A 87 -3.74 1.30 16.80
C THR A 87 -2.32 0.98 16.31
N VAL A 88 -2.03 1.19 15.04
CA VAL A 88 -0.77 0.74 14.47
C VAL A 88 -0.33 1.77 13.44
N ASN A 89 0.98 2.05 13.43
CA ASN A 89 1.60 2.88 12.41
C ASN A 89 2.62 2.05 11.65
N CYS A 90 3.05 2.58 10.49
CA CYS A 90 4.04 1.92 9.64
C CYS A 90 5.37 2.64 9.77
N ARG A 91 6.44 1.86 9.91
CA ARG A 91 7.77 2.45 10.09
C ARG A 91 8.17 3.30 8.89
N ASN A 92 7.71 2.94 7.70
CA ASN A 92 8.06 3.71 6.52
C ASN A 92 7.15 4.91 6.31
N GLY A 93 6.29 5.24 7.28
CA GLY A 93 5.48 6.44 7.26
C GLY A 93 4.12 6.31 6.58
N THR A 94 3.83 5.19 5.92
CA THR A 94 2.55 5.04 5.23
C THR A 94 1.40 5.07 6.24
N TRP A 95 0.36 5.84 5.91
CA TRP A 95 -0.85 5.88 6.73
C TRP A 95 -1.50 4.50 6.80
N ARG A 96 -1.90 4.11 8.02
CA ARG A 96 -2.46 2.78 8.26
C ARG A 96 -3.72 2.50 7.45
N ALA A 97 -4.41 3.54 6.97
CA ALA A 97 -5.56 3.31 6.10
C ALA A 97 -5.18 2.56 4.83
N HIS A 98 -3.91 2.55 4.45
CA HIS A 98 -3.46 1.82 3.28
C HIS A 98 -3.06 0.38 3.57
N ILE A 99 -3.05 -0.06 4.84
CA ILE A 99 -2.70 -1.45 5.13
C ILE A 99 -3.63 -2.36 4.34
N ASN A 100 -3.05 -3.29 3.58
CA ASN A 100 -3.81 -3.98 2.55
C ASN A 100 -3.01 -5.19 2.06
N PHE A 101 -3.73 -6.22 1.65
CA PHE A 101 -3.16 -7.47 1.17
C PHE A 101 -4.00 -7.95 0.00
N PHE A 102 -3.43 -8.89 -0.76
CA PHE A 102 -4.14 -9.47 -1.89
C PHE A 102 -5.42 -10.14 -1.42
N ASP A 103 -6.46 -10.06 -2.25
CA ASP A 103 -7.72 -10.74 -1.92
C ASP A 103 -7.53 -12.25 -1.74
N MET A 104 -6.63 -12.85 -2.52
CA MET A 104 -6.33 -14.27 -2.45
C MET A 104 -4.99 -14.49 -1.75
N ASP A 105 -4.83 -15.67 -1.16
CA ASP A 105 -3.56 -16.06 -0.56
C ASP A 105 -2.64 -16.62 -1.65
N ILE A 106 -1.56 -15.91 -1.93
CA ILE A 106 -0.61 -16.29 -2.98
C ILE A 106 0.62 -16.87 -2.32
N PRO A 107 1.13 -18.00 -2.79
CA PRO A 107 2.29 -18.64 -2.16
C PRO A 107 3.47 -17.69 -2.03
N GLY A 108 4.01 -17.60 -0.82
CA GLY A 108 5.09 -16.68 -0.54
C GLY A 108 4.68 -15.24 -0.35
N GLU A 109 3.39 -14.93 -0.49
CA GLU A 109 2.98 -13.54 -0.31
C GLU A 109 2.34 -13.35 1.06
N PRO A 110 2.43 -12.15 1.64
CA PRO A 110 1.71 -11.88 2.89
C PRO A 110 0.20 -11.98 2.70
N THR A 111 -0.50 -12.46 3.73
CA THR A 111 -1.94 -12.65 3.64
C THR A 111 -2.69 -11.84 4.70
N TRP A 112 -3.96 -11.61 4.42
CA TRP A 112 -4.87 -11.05 5.42
C TRP A 112 -4.85 -11.88 6.70
N ASP A 113 -4.81 -13.21 6.58
CA ASP A 113 -4.87 -14.05 7.77
C ASP A 113 -3.67 -13.83 8.67
N GLU A 114 -2.49 -13.72 8.07
CA GLU A 114 -1.26 -13.47 8.83
C GLU A 114 -1.31 -12.12 9.53
N TRP A 115 -1.74 -11.08 8.81
CA TRP A 115 -1.79 -9.76 9.44
C TRP A 115 -2.79 -9.75 10.60
N PHE A 116 -3.98 -10.30 10.36
CA PHE A 116 -5.01 -10.28 11.39
C PHE A 116 -4.58 -11.11 12.60
N GLU A 117 -3.86 -12.21 12.38
CA GLU A 117 -3.34 -12.97 13.51
C GLU A 117 -2.48 -12.09 14.40
N SER A 118 -1.56 -11.33 13.79
CA SER A 118 -0.68 -10.47 14.59
C SER A 118 -1.46 -9.32 15.22
N TYR A 119 -2.42 -8.74 14.49
CA TYR A 119 -3.17 -7.60 15.00
C TYR A 119 -4.13 -8.03 16.11
N ILE A 120 -4.79 -9.18 15.94
CA ILE A 120 -5.67 -9.67 16.98
C ILE A 120 -4.89 -9.92 18.27
N ASN A 121 -3.70 -10.53 18.15
CA ASN A 121 -2.96 -10.82 19.37
C ASN A 121 -2.49 -9.54 20.04
N TYR A 122 -2.18 -8.50 19.25
CA TYR A 122 -1.93 -7.16 19.80
C TYR A 122 -3.15 -6.64 20.56
N GLN A 123 -4.31 -6.64 19.90
CA GLN A 123 -5.51 -6.08 20.53
C GLN A 123 -5.88 -6.84 21.80
N LYS A 124 -5.73 -8.18 21.78
CA LYS A 124 -6.10 -8.99 22.94
C LYS A 124 -5.22 -8.66 24.14
N HIS A 125 -3.95 -8.36 23.90
CA HIS A 125 -3.06 -7.96 24.99
C HIS A 125 -3.58 -6.68 25.66
N TYR A 126 -3.98 -5.70 24.87
CA TYR A 126 -4.43 -4.44 25.45
C TYR A 126 -5.87 -4.53 25.95
N ALA A 127 -6.66 -5.42 25.36
CA ALA A 127 -7.99 -5.69 25.90
C ALA A 127 -7.90 -6.19 27.34
N LYS A 128 -6.95 -7.09 27.62
CA LYS A 128 -6.75 -7.58 28.99
C LYS A 128 -6.38 -6.43 29.94
N ILE A 129 -5.59 -5.47 29.46
CA ILE A 129 -5.26 -4.31 30.27
C ILE A 129 -6.49 -3.43 30.51
N ALA A 130 -7.26 -3.17 29.45
CA ALA A 130 -8.50 -2.41 29.61
C ALA A 130 -9.45 -3.07 30.61
N GLU A 131 -9.49 -4.40 30.61
CA GLU A 131 -10.34 -5.11 31.57
C GLU A 131 -9.80 -4.95 32.98
N LYS A 132 -8.50 -5.18 33.18
CA LYS A 132 -7.92 -5.12 34.51
C LYS A 132 -8.01 -3.71 35.11
N THR A 133 -7.97 -2.68 34.28
CA THR A 133 -8.06 -1.31 34.77
C THR A 133 -9.46 -0.72 34.69
N ASN A 134 -10.44 -1.49 34.21
CA ASN A 134 -11.84 -1.05 34.11
C ASN A 134 -12.00 0.19 33.23
N CYS A 135 -11.27 0.24 32.12
CA CYS A 135 -11.54 1.26 31.11
C CYS A 135 -12.98 1.19 30.62
N GLU A 136 -13.58 2.36 30.39
CA GLU A 136 -14.99 2.43 30.00
C GLU A 136 -15.23 1.98 28.56
N MET A 137 -14.26 2.18 27.67
CA MET A 137 -14.45 1.81 26.27
C MET A 137 -13.11 1.38 25.69
N PHE A 138 -13.19 0.55 24.66
CA PHE A 138 -12.03 0.02 23.96
C PHE A 138 -12.25 0.17 22.46
N VAL A 139 -11.26 0.73 21.76
CA VAL A 139 -11.36 1.03 20.34
C VAL A 139 -10.47 0.04 19.60
N VAL A 140 -11.07 -0.84 18.77
CA VAL A 140 -10.30 -1.96 18.23
C VAL A 140 -9.57 -1.65 16.93
N GLY A 141 -9.85 -0.51 16.31
CA GLY A 141 -9.13 -0.13 15.11
C GLY A 141 -9.39 1.34 14.86
N CYS A 142 -8.53 1.92 14.01
CA CYS A 142 -8.60 3.35 13.74
C CYS A 142 -8.25 3.57 12.27
N GLU A 143 -9.22 4.05 11.49
CA GLU A 143 -8.96 4.54 10.12
C GLU A 143 -8.36 3.45 9.23
N MET A 144 -8.78 2.20 9.44
CA MET A 144 -8.26 1.10 8.63
C MET A 144 -9.06 0.93 7.33
N VAL A 145 -9.01 1.97 6.49
CA VAL A 145 -9.97 2.09 5.38
C VAL A 145 -9.92 0.87 4.48
N GLN A 146 -8.72 0.48 4.03
CA GLN A 146 -8.67 -0.64 3.10
C GLN A 146 -8.96 -1.98 3.79
N ALA A 147 -8.62 -2.12 5.08
CA ALA A 147 -8.92 -3.37 5.77
C ALA A 147 -10.39 -3.55 6.13
N GLU A 148 -11.20 -2.49 6.04
CA GLU A 148 -12.58 -2.55 6.52
C GLU A 148 -13.43 -3.53 5.72
N ARG A 149 -13.06 -3.79 4.45
CA ARG A 149 -13.82 -4.74 3.64
C ARG A 149 -13.73 -6.18 4.16
N ARG A 150 -12.78 -6.50 5.05
CA ARG A 150 -12.64 -7.85 5.57
C ARG A 150 -13.54 -8.04 6.81
N GLU A 151 -14.83 -7.91 6.55
CA GLU A 151 -15.81 -7.92 7.63
C GLU A 151 -15.70 -9.19 8.47
N ASP A 152 -15.47 -10.33 7.81
CA ASP A 152 -15.37 -11.59 8.53
C ASP A 152 -14.24 -11.55 9.55
N LYS A 153 -13.09 -11.01 9.16
CA LYS A 153 -11.94 -10.93 10.06
C LYS A 153 -12.19 -9.94 11.19
N TRP A 154 -12.83 -8.81 10.88
CA TRP A 154 -13.14 -7.86 11.95
C TRP A 154 -14.10 -8.45 12.96
N ARG A 155 -15.07 -9.24 12.50
CA ARG A 155 -15.98 -9.90 13.44
C ARG A 155 -15.23 -10.89 14.32
N GLU A 156 -14.27 -11.64 13.75
CA GLU A 156 -13.43 -12.53 14.54
C GLU A 156 -12.67 -11.76 15.62
N LEU A 157 -12.06 -10.64 15.24
CA LEU A 157 -11.30 -9.85 16.19
C LEU A 157 -12.17 -9.34 17.33
N ILE A 158 -13.36 -8.85 16.99
CA ILE A 158 -14.24 -8.30 18.02
C ILE A 158 -14.65 -9.38 19.01
N ALA A 159 -14.96 -10.58 18.51
CA ALA A 159 -15.28 -11.69 19.40
C ALA A 159 -14.11 -12.03 20.31
N GLU A 160 -12.87 -11.96 19.79
CA GLU A 160 -11.72 -12.21 20.63
C GLU A 160 -11.53 -11.13 21.69
N VAL A 161 -11.77 -9.86 21.34
CA VAL A 161 -11.70 -8.80 22.34
C VAL A 161 -12.78 -9.00 23.40
N ARG A 162 -13.97 -9.44 22.98
CA ARG A 162 -15.08 -9.67 23.90
C ARG A 162 -14.73 -10.70 24.96
N LYS A 163 -13.88 -11.67 24.61
CA LYS A 163 -13.53 -12.70 25.59
C LYS A 163 -12.61 -12.15 26.67
N ASP A 164 -11.86 -11.09 26.37
CA ASP A 164 -10.96 -10.51 27.35
C ASP A 164 -11.54 -9.31 28.07
N TYR A 165 -12.55 -8.65 27.51
CA TYR A 165 -12.96 -7.32 27.96
C TYR A 165 -14.47 -7.20 27.92
N ARG A 166 -15.06 -6.77 29.04
CA ARG A 166 -16.52 -6.73 29.16
C ARG A 166 -17.11 -5.34 28.99
N GLY A 167 -16.32 -4.33 28.65
CA GLY A 167 -16.84 -2.98 28.49
C GLY A 167 -17.33 -2.69 27.08
N LEU A 168 -17.47 -1.39 26.79
CA LEU A 168 -17.94 -0.96 25.48
C LEU A 168 -16.83 -1.09 24.46
N VAL A 169 -17.17 -1.62 23.29
CA VAL A 169 -16.22 -1.81 22.20
C VAL A 169 -16.68 -1.01 20.99
N THR A 170 -15.77 -0.25 20.40
CA THR A 170 -16.08 0.51 19.20
C THR A 170 -14.95 0.35 18.19
N TYR A 171 -15.20 0.86 17.00
CA TYR A 171 -14.24 0.94 15.92
C TYR A 171 -14.34 2.35 15.32
N ASN A 172 -13.20 2.94 15.00
CA ASN A 172 -13.08 4.35 14.62
C ASN A 172 -12.81 4.38 13.13
N THR A 173 -13.82 4.75 12.35
CA THR A 173 -13.60 4.81 10.90
C THR A 173 -13.02 6.18 10.53
N ASP A 174 -12.50 6.29 9.30
CA ASP A 174 -12.00 7.58 8.83
C ASP A 174 -13.14 8.49 8.38
N LYS A 175 -12.83 9.79 8.30
CA LYS A 175 -13.73 10.78 7.68
C LYS A 175 -14.31 10.25 6.38
N TYR A 176 -15.61 10.51 6.18
CA TYR A 176 -16.39 10.11 5.01
C TYR A 176 -16.60 8.61 4.87
N GLN A 177 -16.13 7.79 5.82
CA GLN A 177 -16.20 6.34 5.68
C GLN A 177 -17.20 5.68 6.63
N GLU A 178 -18.09 6.46 7.22
CA GLU A 178 -19.00 5.91 8.23
C GLU A 178 -19.83 4.75 7.68
N ASP A 179 -20.17 4.77 6.39
CA ASP A 179 -20.97 3.71 5.77
C ASP A 179 -20.11 2.63 5.10
N ASN A 180 -18.79 2.76 5.14
CA ASN A 180 -17.92 1.74 4.59
C ASN A 180 -17.84 0.51 5.48
N VAL A 181 -18.21 0.64 6.76
CA VAL A 181 -18.08 -0.42 7.73
C VAL A 181 -19.38 -1.20 7.77
N LYS A 182 -19.30 -2.51 7.60
CA LYS A 182 -20.48 -3.36 7.57
C LYS A 182 -20.62 -4.22 8.82
N PHE A 183 -19.84 -3.96 9.86
CA PHE A 183 -19.91 -4.76 11.07
C PHE A 183 -20.30 -3.93 12.29
N TRP A 184 -20.96 -2.79 12.07
CA TRP A 184 -21.39 -1.97 13.21
C TRP A 184 -22.26 -2.76 14.18
N ASP A 185 -23.05 -3.71 13.68
CA ASP A 185 -23.91 -4.47 14.59
C ASP A 185 -23.12 -5.25 15.63
N ALA A 186 -21.87 -5.61 15.35
CA ALA A 186 -21.06 -6.34 16.31
C ALA A 186 -20.42 -5.45 17.38
N LEU A 187 -20.55 -4.12 17.24
CA LEU A 187 -19.94 -3.17 18.16
C LEU A 187 -21.00 -2.53 19.04
N ASP A 188 -20.56 -1.83 20.08
CA ASP A 188 -21.48 -1.15 20.99
C ASP A 188 -21.72 0.29 20.61
N VAL A 189 -20.74 0.92 19.97
CA VAL A 189 -20.75 2.35 19.64
C VAL A 189 -20.17 2.52 18.25
N ILE A 190 -20.75 3.40 17.46
CA ILE A 190 -20.22 3.80 16.16
C ILE A 190 -19.36 5.04 16.37
N SER A 191 -18.18 5.07 15.76
CA SER A 191 -17.35 6.27 15.90
C SER A 191 -16.57 6.53 14.63
N SER A 192 -16.23 7.79 14.42
CA SER A 192 -15.46 8.18 13.25
C SER A 192 -14.54 9.34 13.61
N SER A 193 -13.56 9.56 12.75
CA SER A 193 -12.66 10.72 12.79
C SER A 193 -13.33 11.88 12.07
N GLY A 194 -13.98 12.77 12.82
CA GLY A 194 -14.79 13.83 12.27
C GLY A 194 -14.03 15.05 11.79
N TYR A 195 -13.05 14.83 10.91
CA TYR A 195 -12.22 15.92 10.41
C TYR A 195 -12.88 16.57 9.19
N TYR A 196 -14.00 17.26 9.45
CA TYR A 196 -14.73 17.78 8.32
C TYR A 196 -14.46 19.28 8.15
N PRO A 197 -14.53 19.77 6.91
CA PRO A 197 -14.20 21.17 6.65
C PRO A 197 -15.17 22.11 7.34
N ILE A 198 -14.67 23.26 7.77
CA ILE A 198 -15.47 24.23 8.53
C ILE A 198 -16.71 24.67 7.77
N ASN A 199 -16.71 24.60 6.44
CA ASN A 199 -17.83 25.09 5.65
C ASN A 199 -18.70 23.96 5.10
N ASP A 200 -18.59 22.74 5.64
CA ASP A 200 -19.37 21.63 5.09
C ASP A 200 -20.01 20.76 6.15
N TRP A 201 -20.22 21.27 7.37
CA TRP A 201 -20.81 20.45 8.43
C TRP A 201 -22.22 20.01 8.11
N ASP A 202 -23.03 20.90 7.50
CA ASP A 202 -24.43 20.56 7.29
C ASP A 202 -24.58 19.36 6.38
N ARG A 203 -23.86 19.35 5.26
CA ARG A 203 -23.95 18.21 4.36
C ARG A 203 -23.42 16.95 5.01
N GLN A 204 -22.30 17.05 5.73
CA GLN A 204 -21.68 15.85 6.29
C GLN A 204 -22.49 15.29 7.44
N LEU A 205 -23.00 16.16 8.33
CA LEU A 205 -23.83 15.66 9.43
C LEU A 205 -25.12 15.03 8.90
N ASP A 206 -25.73 15.62 7.88
CA ASP A 206 -26.91 15.00 7.29
C ASP A 206 -26.59 13.62 6.72
N ARG A 207 -25.43 13.48 6.08
CA ARG A 207 -25.01 12.19 5.54
C ARG A 207 -24.81 11.18 6.66
N ILE A 208 -24.10 11.57 7.72
CA ILE A 208 -23.81 10.64 8.80
C ILE A 208 -25.08 10.26 9.56
N GLU A 209 -25.97 11.23 9.77
CA GLU A 209 -27.23 10.93 10.45
C GLU A 209 -27.99 9.80 9.76
N ALA A 210 -28.02 9.80 8.43
CA ALA A 210 -28.72 8.75 7.68
C ALA A 210 -28.05 7.39 7.87
N VAL A 211 -26.73 7.36 8.02
CA VAL A 211 -26.04 6.13 8.34
C VAL A 211 -26.36 5.69 9.76
N VAL A 212 -26.26 6.61 10.71
CA VAL A 212 -26.40 6.24 12.12
C VAL A 212 -27.83 5.72 12.41
N LYS A 213 -28.83 6.29 11.75
CA LYS A 213 -30.21 5.84 12.00
C LYS A 213 -30.49 4.44 11.43
N GLN A 214 -29.55 3.85 10.72
CA GLN A 214 -29.71 2.47 10.27
C GLN A 214 -29.27 1.47 11.34
N TYR A 215 -28.80 1.93 12.49
CA TYR A 215 -28.34 1.06 13.55
C TYR A 215 -28.94 1.54 14.86
N ASP A 216 -28.83 0.70 15.89
CA ASP A 216 -29.40 0.96 17.20
C ASP A 216 -28.30 1.28 18.22
N LYS A 217 -27.26 1.99 17.78
CA LYS A 217 -26.04 2.27 18.53
C LYS A 217 -25.85 3.78 18.73
N PRO A 218 -25.29 4.20 19.86
CA PRO A 218 -24.85 5.59 19.97
C PRO A 218 -23.65 5.85 19.06
N PHE A 219 -23.41 7.13 18.80
CA PHE A 219 -22.36 7.60 17.92
C PHE A 219 -21.53 8.68 18.60
N PHE A 220 -20.22 8.69 18.38
CA PHE A 220 -19.47 9.90 18.69
C PHE A 220 -18.25 10.04 17.79
N PHE A 221 -17.70 11.24 17.78
CA PHE A 221 -16.49 11.56 17.01
C PHE A 221 -15.29 11.29 17.91
N VAL A 222 -14.73 10.08 17.78
CA VAL A 222 -13.68 9.68 18.72
C VAL A 222 -12.38 10.39 18.42
N ALA A 223 -12.24 10.97 17.23
CA ALA A 223 -11.18 11.95 16.94
C ALA A 223 -11.79 13.13 16.18
N ALA A 224 -11.35 14.33 16.53
CA ALA A 224 -11.78 15.57 15.90
C ALA A 224 -10.84 16.66 16.40
N GLY A 225 -10.65 17.68 15.59
CA GLY A 225 -9.77 18.76 15.99
C GLY A 225 -9.20 19.43 14.77
N CYS A 226 -8.25 20.31 15.03
CA CYS A 226 -7.76 21.17 13.96
C CYS A 226 -6.42 21.79 14.36
N PRO A 227 -5.40 21.76 13.50
CA PRO A 227 -4.15 22.44 13.84
C PRO A 227 -4.30 23.95 13.72
N SER A 228 -3.45 24.67 14.43
CA SER A 228 -3.50 26.13 14.38
C SER A 228 -2.62 26.64 13.22
N ARG A 229 -3.09 26.36 12.00
CA ARG A 229 -2.42 26.77 10.77
C ARG A 229 -3.41 27.32 9.76
N SER A 230 -2.96 28.28 8.95
CA SER A 230 -3.85 28.83 7.94
C SER A 230 -4.17 27.79 6.87
N GLY A 231 -5.46 27.63 6.60
CA GLY A 231 -5.94 26.61 5.69
C GLY A 231 -6.32 25.30 6.36
N SER A 232 -5.97 25.11 7.63
CA SER A 232 -6.31 23.87 8.32
C SER A 232 -7.82 23.72 8.52
N ALA A 233 -8.55 24.82 8.67
CA ALA A 233 -9.99 24.69 8.89
C ALA A 233 -10.70 24.02 7.72
N LEU A 234 -10.12 24.05 6.52
CA LEU A 234 -10.67 23.36 5.35
C LEU A 234 -10.27 21.90 5.28
N LEU A 235 -9.09 21.55 5.80
CA LEU A 235 -8.60 20.17 5.79
C LEU A 235 -7.96 19.85 7.13
N PRO A 236 -8.78 19.73 8.18
CA PRO A 236 -8.21 19.64 9.53
C PRO A 236 -7.52 18.32 9.85
N ASN A 237 -7.64 17.32 8.98
CA ASN A 237 -6.95 16.03 9.16
C ASN A 237 -5.48 16.07 8.75
N LYS A 238 -5.05 17.09 7.99
CA LYS A 238 -3.71 17.10 7.42
C LYS A 238 -2.74 17.68 8.45
N TRP A 239 -2.05 16.82 9.19
CA TRP A 239 -1.14 17.35 10.20
C TRP A 239 0.10 18.00 9.60
N ASP A 240 0.36 17.78 8.32
CA ASP A 240 1.53 18.36 7.66
C ASP A 240 1.14 19.45 6.66
N LEU A 241 -0.04 20.04 6.85
CA LEU A 241 -0.53 21.06 5.93
C LEU A 241 0.46 22.21 5.87
N GLU A 242 0.77 22.64 4.65
CA GLU A 242 1.65 23.79 4.44
C GLU A 242 0.84 25.05 4.69
N GLY A 243 1.07 25.67 5.84
CA GLY A 243 0.31 26.84 6.23
C GLY A 243 0.96 27.60 7.36
N ALA A 244 0.87 28.93 7.34
CA ALA A 244 1.45 29.73 8.40
C ALA A 244 0.64 29.60 9.69
N ILE A 245 1.30 29.86 10.81
CA ILE A 245 0.62 29.76 12.10
C ILE A 245 -0.63 30.63 12.13
N ASN A 246 -1.70 30.10 12.72
CA ASN A 246 -2.97 30.83 12.81
C ASN A 246 -3.77 30.26 13.99
N LEU A 247 -3.52 30.82 15.18
CA LEU A 247 -4.25 30.40 16.38
C LEU A 247 -5.75 30.64 16.24
N GLN A 248 -6.14 31.74 15.60
CA GLN A 248 -7.56 32.05 15.57
C GLN A 248 -8.34 31.10 14.67
N GLU A 249 -7.73 30.60 13.60
CA GLU A 249 -8.42 29.67 12.73
C GLU A 249 -8.81 28.40 13.49
N GLN A 250 -7.94 27.93 14.38
CA GLN A 250 -8.25 26.75 15.19
C GLN A 250 -9.42 27.02 16.14
N ALA A 251 -9.41 28.19 16.79
CA ALA A 251 -10.52 28.54 17.67
C ALA A 251 -11.82 28.66 16.88
N ASP A 252 -11.76 29.26 15.70
CA ASP A 252 -12.96 29.40 14.87
C ASP A 252 -13.45 28.04 14.38
N TYR A 253 -12.54 27.14 14.01
CA TYR A 253 -12.94 25.78 13.65
C TYR A 253 -13.74 25.13 14.78
N TYR A 254 -13.21 25.20 16.00
CA TYR A 254 -13.89 24.57 17.12
C TYR A 254 -15.25 25.20 17.37
N GLN A 255 -15.32 26.52 17.30
CA GLN A 255 -16.59 27.19 17.57
C GLN A 255 -17.66 26.73 16.57
N VAL A 256 -17.30 26.65 15.29
CA VAL A 256 -18.26 26.22 14.29
C VAL A 256 -18.63 24.75 14.50
N MET A 257 -17.65 23.90 14.80
CA MET A 257 -17.93 22.48 15.00
C MET A 257 -18.93 22.26 16.14
N PHE A 258 -18.71 22.88 17.29
CA PHE A 258 -19.63 22.70 18.40
C PHE A 258 -21.00 23.28 18.10
N GLU A 259 -21.05 24.44 17.42
CA GLU A 259 -22.34 25.02 17.03
C GLU A 259 -23.12 24.08 16.12
N LYS A 260 -22.46 23.54 15.09
CA LYS A 260 -23.14 22.68 14.13
C LYS A 260 -23.54 21.35 14.76
N THR A 261 -22.70 20.78 15.62
CA THR A 261 -23.04 19.47 16.18
C THR A 261 -23.99 19.57 17.38
N ALA A 262 -24.05 20.73 18.04
CA ALA A 262 -24.90 20.84 19.23
C ALA A 262 -26.37 20.58 18.93
N SER A 263 -26.81 20.78 17.68
CA SER A 263 -28.22 20.62 17.34
C SER A 263 -28.56 19.22 16.81
N ARG A 264 -27.58 18.33 16.71
CA ARG A 264 -27.82 16.93 16.34
C ARG A 264 -27.73 16.09 17.61
N SER A 265 -28.88 15.62 18.09
CA SER A 265 -28.90 14.89 19.36
C SER A 265 -28.10 13.60 19.28
N TRP A 266 -27.91 13.05 18.09
CA TRP A 266 -27.18 11.80 17.94
C TRP A 266 -25.67 11.96 17.98
N VAL A 267 -25.14 13.19 17.90
CA VAL A 267 -23.70 13.37 18.12
C VAL A 267 -23.44 13.23 19.60
N GLY A 268 -22.88 12.09 20.01
CA GLY A 268 -22.75 11.74 21.40
C GLY A 268 -21.45 12.11 22.06
N GLY A 269 -20.59 12.91 21.42
CA GLY A 269 -19.40 13.38 22.08
C GLY A 269 -18.22 13.44 21.15
N PHE A 270 -17.05 13.73 21.75
CA PHE A 270 -15.82 14.02 21.04
C PHE A 270 -14.63 13.44 21.79
N GLY A 271 -13.65 12.92 21.04
CA GLY A 271 -12.33 12.66 21.56
C GLY A 271 -11.34 13.59 20.89
N LEU A 272 -11.18 14.79 21.44
CA LEU A 272 -10.49 15.85 20.71
C LEU A 272 -9.01 15.53 20.52
N TRP A 273 -8.49 15.85 19.34
CA TRP A 273 -7.13 15.52 18.94
C TRP A 273 -6.29 16.80 18.94
N ASP A 274 -5.23 16.87 19.75
CA ASP A 274 -4.83 15.89 20.76
C ASP A 274 -4.05 16.65 21.82
N TRP A 275 -3.77 16.00 22.95
CA TRP A 275 -3.08 16.62 24.08
C TRP A 275 -1.78 15.87 24.33
N GLN A 276 -0.65 16.56 24.21
CA GLN A 276 0.64 15.88 24.27
C GLN A 276 1.00 15.43 25.69
N THR A 277 1.62 14.25 25.77
CA THR A 277 2.17 13.76 27.04
C THR A 277 3.22 14.70 27.58
N TYR A 278 4.16 15.09 26.74
CA TYR A 278 5.17 16.06 27.09
C TYR A 278 4.72 17.38 26.48
N LEU A 279 4.01 18.17 27.28
CA LEU A 279 3.34 19.37 26.81
C LEU A 279 4.33 20.51 26.64
N TYR A 280 4.14 21.31 25.59
CA TYR A 280 4.99 22.48 25.42
C TYR A 280 4.75 23.49 26.53
N ASP A 281 5.73 24.38 26.72
CA ASP A 281 5.59 25.45 27.70
C ASP A 281 4.51 26.42 27.24
N GLU A 282 3.67 26.85 28.19
CA GLU A 282 2.61 27.79 27.87
C GLU A 282 3.16 29.03 27.17
N LYS A 283 4.41 29.40 27.48
CA LYS A 283 5.06 30.53 26.82
C LYS A 283 5.21 30.32 25.32
N ASP A 284 5.34 29.07 24.88
CA ASP A 284 5.55 28.74 23.47
C ASP A 284 4.25 28.50 22.71
N ALA A 285 3.10 28.67 23.38
CA ALA A 285 1.81 28.36 22.74
C ALA A 285 1.58 29.20 21.49
N THR A 286 1.91 30.50 21.53
CA THR A 286 1.57 31.36 20.41
C THR A 286 2.41 31.06 19.18
N LYS A 287 3.44 30.24 19.30
CA LYS A 287 4.30 29.84 18.20
C LYS A 287 3.99 28.41 17.74
N ASN A 288 3.07 27.71 18.40
CA ASN A 288 2.84 26.29 18.13
C ASN A 288 1.75 26.15 17.07
N ASP A 289 2.06 25.44 15.98
CA ASP A 289 1.15 25.31 14.84
C ASP A 289 0.55 23.90 14.74
N ASP A 290 0.51 23.16 15.84
CA ASP A 290 0.02 21.79 15.79
C ASP A 290 -1.39 21.73 16.38
N TYR A 291 -1.83 20.51 16.73
CA TYR A 291 -3.21 20.29 17.16
C TYR A 291 -3.48 20.74 18.58
N GLY A 292 -2.45 20.83 19.42
CA GLY A 292 -2.66 21.20 20.81
C GLY A 292 -3.41 22.51 20.94
N VAL A 293 -4.17 22.63 22.02
CA VAL A 293 -4.93 23.83 22.32
C VAL A 293 -4.46 24.51 23.60
N PHE A 294 -3.51 23.91 24.31
CA PHE A 294 -2.99 24.49 25.54
C PHE A 294 -2.45 25.88 25.28
N GLY A 295 -2.97 26.87 26.01
CA GLY A 295 -2.48 28.24 25.84
C GLY A 295 -2.96 28.95 24.61
N LYS A 296 -3.87 28.34 23.86
CA LYS A 296 -4.40 28.92 22.64
C LYS A 296 -5.85 29.33 22.84
N PRO A 297 -6.37 30.24 22.00
CA PRO A 297 -7.78 30.66 22.15
C PRO A 297 -8.78 29.51 22.05
N ALA A 298 -8.45 28.42 21.34
CA ALA A 298 -9.38 27.30 21.24
C ALA A 298 -9.62 26.64 22.60
N GLU A 299 -8.64 26.71 23.51
CA GLU A 299 -8.80 26.10 24.84
C GLU A 299 -10.05 26.62 25.55
N ARG A 300 -10.30 27.94 25.44
CA ARG A 300 -11.45 28.54 26.11
C ARG A 300 -12.76 28.14 25.45
N VAL A 301 -12.76 28.00 24.12
CA VAL A 301 -13.96 27.55 23.42
C VAL A 301 -14.34 26.14 23.86
N ILE A 302 -13.35 25.25 23.97
CA ILE A 302 -13.61 23.87 24.38
C ILE A 302 -14.13 23.84 25.82
N LYS A 303 -13.42 24.51 26.74
CA LYS A 303 -13.83 24.46 28.14
C LYS A 303 -15.24 24.98 28.32
N ALA A 304 -15.58 26.07 27.64
CA ALA A 304 -16.94 26.61 27.75
C ALA A 304 -17.97 25.63 27.20
N TYR A 305 -17.66 24.97 26.08
CA TYR A 305 -18.63 24.03 25.53
C TYR A 305 -18.79 22.80 26.42
N TYR A 306 -17.67 22.25 26.89
CA TYR A 306 -17.73 21.08 27.75
C TYR A 306 -18.44 21.39 29.06
N GLN A 307 -18.26 22.60 29.58
CA GLN A 307 -18.96 22.95 30.82
C GLN A 307 -20.45 23.14 30.59
N SER A 308 -20.86 23.48 29.36
CA SER A 308 -22.27 23.68 29.07
C SER A 308 -23.03 22.37 28.92
N ARG A 309 -22.35 21.29 28.54
CA ARG A 309 -23.01 20.01 28.33
C ARG A 309 -23.14 19.24 29.64
N MET B 1 -0.08 -16.08 -33.80
CA MET B 1 1.18 -15.58 -33.26
C MET B 1 2.23 -16.69 -33.30
N GLU B 2 3.33 -16.42 -34.00
CA GLU B 2 4.47 -17.33 -33.98
C GLU B 2 5.07 -17.38 -32.57
N PHE B 3 5.72 -18.50 -32.26
CA PHE B 3 6.29 -18.71 -30.94
C PHE B 3 7.34 -17.65 -30.65
N ILE B 4 7.22 -17.02 -29.47
CA ILE B 4 8.10 -15.92 -29.08
C ILE B 4 9.29 -16.49 -28.32
N LYS B 5 10.46 -16.45 -28.95
CA LYS B 5 11.71 -16.87 -28.31
C LYS B 5 12.37 -15.62 -27.74
N GLY B 6 11.95 -15.25 -26.54
CA GLY B 6 12.35 -13.96 -26.01
C GLY B 6 13.25 -14.00 -24.78
N PHE B 7 13.93 -12.87 -24.56
CA PHE B 7 14.72 -12.68 -23.35
C PHE B 7 14.58 -11.21 -22.93
N THR B 8 14.39 -10.99 -21.64
CA THR B 8 14.28 -9.64 -21.11
C THR B 8 15.66 -9.03 -20.96
N PHE B 9 15.79 -7.77 -21.35
CA PHE B 9 17.05 -7.03 -21.36
C PHE B 9 16.83 -5.64 -20.78
N GLY B 10 17.84 -5.13 -20.08
CA GLY B 10 17.82 -3.72 -19.73
C GLY B 10 17.26 -3.36 -18.37
N TRP B 11 16.83 -4.34 -17.57
CA TRP B 11 16.16 -4.02 -16.32
C TRP B 11 17.08 -3.24 -15.38
N ASP B 12 18.38 -3.52 -15.44
CA ASP B 12 19.38 -2.86 -14.62
C ASP B 12 19.79 -1.51 -15.17
N SER B 13 19.25 -1.08 -16.31
CA SER B 13 19.77 0.11 -16.97
C SER B 13 19.48 1.37 -16.15
N GLN B 14 20.41 2.32 -16.23
CA GLN B 14 20.21 3.68 -15.75
C GLN B 14 20.58 4.62 -16.88
N LYS B 15 20.33 5.91 -16.69
CA LYS B 15 20.66 6.88 -17.72
C LYS B 15 22.13 6.74 -18.12
N GLY B 16 22.38 6.64 -19.43
CA GLY B 16 23.71 6.50 -19.97
C GLY B 16 24.12 5.07 -20.31
N TYR B 17 23.46 4.06 -19.72
CA TYR B 17 23.88 2.67 -19.93
C TYR B 17 23.82 2.27 -21.39
N PHE B 18 22.76 2.68 -22.10
CA PHE B 18 22.58 2.21 -23.45
C PHE B 18 23.49 2.91 -24.46
N LYS B 19 24.26 3.92 -24.02
CA LYS B 19 25.28 4.49 -24.89
C LYS B 19 26.57 3.67 -24.93
N THR B 20 26.72 2.70 -24.03
CA THR B 20 28.01 2.06 -23.81
C THR B 20 28.22 0.90 -24.76
N GLU B 21 29.48 0.64 -25.06
CA GLU B 21 29.86 -0.53 -25.85
C GLU B 21 29.48 -1.82 -25.13
N ARG B 22 29.59 -1.85 -23.80
CA ARG B 22 29.31 -3.11 -23.11
C ARG B 22 27.82 -3.44 -23.13
N ALA B 23 26.94 -2.43 -23.23
CA ALA B 23 25.52 -2.73 -23.42
C ALA B 23 25.30 -3.44 -24.74
N LYS B 24 25.96 -2.95 -25.80
CA LYS B 24 25.83 -3.58 -27.11
C LYS B 24 26.41 -4.98 -27.11
N GLU B 25 27.55 -5.17 -26.45
CA GLU B 25 28.17 -6.49 -26.38
C GLU B 25 27.27 -7.46 -25.63
N SER B 26 26.66 -7.00 -24.54
CA SER B 26 25.77 -7.86 -23.78
C SER B 26 24.58 -8.31 -24.63
N LEU B 27 24.03 -7.40 -25.42
CA LEU B 27 22.92 -7.76 -26.29
C LEU B 27 23.34 -8.78 -27.35
N ARG B 28 24.51 -8.57 -27.96
CA ARG B 28 25.04 -9.53 -28.92
C ARG B 28 25.20 -10.92 -28.29
N LEU B 29 25.75 -10.96 -27.06
CA LEU B 29 25.92 -12.23 -26.36
C LEU B 29 24.58 -12.88 -26.01
N MET B 30 23.59 -12.07 -25.61
CA MET B 30 22.25 -12.60 -25.37
C MET B 30 21.72 -13.34 -26.58
N GLN B 31 21.83 -12.73 -27.75
CA GLN B 31 21.36 -13.38 -28.97
C GLN B 31 22.19 -14.62 -29.31
N GLU B 32 23.52 -14.52 -29.21
CA GLU B 32 24.36 -15.65 -29.60
C GLU B 32 24.18 -16.84 -28.66
N ARG B 33 24.13 -16.58 -27.35
CA ARG B 33 24.13 -17.68 -26.39
C ARG B 33 22.76 -18.34 -26.22
N THR B 34 21.67 -17.67 -26.55
CA THR B 34 20.35 -18.21 -26.28
C THR B 34 19.51 -18.48 -27.51
N ALA B 35 19.92 -17.98 -28.68
CA ALA B 35 19.14 -18.07 -29.91
C ALA B 35 17.79 -17.33 -29.79
N SER B 36 17.70 -16.37 -28.88
CA SER B 36 16.51 -15.54 -28.81
C SER B 36 16.29 -14.77 -30.10
N GLU B 37 15.03 -14.63 -30.49
CA GLU B 37 14.64 -13.82 -31.64
C GLU B 37 13.89 -12.56 -31.24
N TYR B 38 13.52 -12.45 -29.97
CA TYR B 38 12.85 -11.29 -29.42
C TYR B 38 13.65 -10.77 -28.24
N VAL B 39 13.69 -9.46 -28.08
CA VAL B 39 14.18 -8.86 -26.87
C VAL B 39 13.06 -8.06 -26.23
N ILE B 40 12.83 -8.28 -24.95
CA ILE B 40 11.86 -7.52 -24.18
C ILE B 40 12.67 -6.47 -23.45
N VAL B 41 12.49 -5.20 -23.83
CA VAL B 41 13.19 -4.10 -23.17
C VAL B 41 12.32 -3.63 -22.01
N ALA B 42 12.74 -3.98 -20.79
CA ALA B 42 11.99 -3.70 -19.58
C ALA B 42 12.59 -2.49 -18.89
N LEU B 43 11.80 -1.42 -18.76
CA LEU B 43 12.23 -0.19 -18.11
C LEU B 43 11.30 0.14 -16.96
N ALA B 44 11.78 0.95 -16.02
CA ALA B 44 10.98 1.26 -14.84
C ALA B 44 11.09 2.73 -14.51
N ALA B 45 9.97 3.44 -14.64
CA ALA B 45 9.78 4.74 -14.01
C ALA B 45 9.73 4.57 -12.49
N LEU B 46 9.75 5.70 -11.77
CA LEU B 46 9.69 5.67 -10.31
C LEU B 46 8.56 6.54 -9.81
N GLN B 47 7.88 6.06 -8.76
CA GLN B 47 7.02 6.90 -7.94
C GLN B 47 7.47 6.73 -6.49
N ASP B 48 7.13 7.72 -5.65
CA ASP B 48 7.67 7.75 -4.30
C ASP B 48 7.23 6.54 -3.50
N THR B 49 5.93 6.25 -3.49
CA THR B 49 5.37 5.17 -2.72
C THR B 49 4.29 4.49 -3.53
N ALA B 50 3.77 3.39 -2.99
CA ALA B 50 2.67 2.70 -3.64
C ALA B 50 1.39 3.53 -3.61
N HIS B 51 1.36 4.64 -2.89
CA HIS B 51 0.17 5.48 -2.78
C HIS B 51 0.47 6.92 -3.16
N SER B 52 1.48 7.11 -4.01
CA SER B 52 1.83 8.38 -4.63
C SER B 52 1.27 8.43 -6.05
N THR B 53 1.01 9.63 -6.55
CA THR B 53 0.37 9.77 -7.85
C THR B 53 1.29 10.24 -8.98
N GLU B 54 2.54 10.60 -8.70
CA GLU B 54 3.43 11.13 -9.74
C GLU B 54 4.43 10.08 -10.21
N VAL B 55 4.41 9.78 -11.50
CA VAL B 55 5.28 8.77 -12.12
C VAL B 55 6.39 9.51 -12.86
N ASP B 56 7.64 9.26 -12.47
CA ASP B 56 8.81 10.00 -12.95
C ASP B 56 9.61 9.13 -13.93
N PHE B 57 9.71 9.57 -15.19
CA PHE B 57 10.51 8.84 -16.18
C PHE B 57 11.64 9.70 -16.74
N GLN B 58 11.99 10.80 -16.08
CA GLN B 58 13.03 11.69 -16.56
C GLN B 58 14.36 11.60 -15.81
N GLY B 59 14.38 11.09 -14.59
CA GLY B 59 15.57 11.15 -13.76
C GLY B 59 16.66 10.17 -14.14
N SER B 60 17.69 10.12 -13.29
CA SER B 60 18.88 9.33 -13.57
C SER B 60 18.60 7.83 -13.64
N HIS B 61 17.46 7.39 -13.10
CA HIS B 61 17.11 5.98 -13.16
C HIS B 61 16.71 5.53 -14.56
N MET B 62 16.36 6.46 -15.44
CA MET B 62 15.78 6.13 -16.73
C MET B 62 16.72 6.48 -17.87
N VAL B 63 16.93 5.55 -18.78
CA VAL B 63 17.64 5.86 -20.01
C VAL B 63 16.93 6.99 -20.74
N ASP B 64 17.71 7.85 -21.39
CA ASP B 64 17.12 8.93 -22.18
C ASP B 64 16.50 8.37 -23.46
N ASP B 65 15.58 9.14 -24.04
CA ASP B 65 14.90 8.72 -25.26
C ASP B 65 15.90 8.38 -26.37
N ASP B 66 16.94 9.20 -26.53
CA ASP B 66 17.82 9.01 -27.67
C ASP B 66 18.63 7.72 -27.55
N GLU B 67 19.13 7.41 -26.35
CA GLU B 67 19.86 6.15 -26.19
C GLU B 67 18.91 4.95 -26.26
N LEU B 68 17.68 5.10 -25.79
CA LEU B 68 16.70 4.03 -25.97
C LEU B 68 16.45 3.74 -27.45
N ILE B 69 16.20 4.79 -28.22
CA ILE B 69 15.98 4.62 -29.65
C ILE B 69 17.19 3.97 -30.30
N GLU B 70 18.39 4.40 -29.91
CA GLU B 70 19.61 3.82 -30.46
C GLU B 70 19.72 2.34 -30.14
N LEU B 71 19.40 1.96 -28.90
CA LEU B 71 19.47 0.55 -28.51
C LEU B 71 18.46 -0.28 -29.29
N ILE B 72 17.22 0.23 -29.41
CA ILE B 72 16.21 -0.50 -30.17
C ILE B 72 16.65 -0.65 -31.62
N ASP B 73 17.16 0.42 -32.24
CA ASP B 73 17.65 0.32 -33.61
C ASP B 73 18.79 -0.69 -33.72
N TYR B 74 19.69 -0.71 -32.74
CA TYR B 74 20.76 -1.70 -32.77
C TYR B 74 20.23 -3.12 -32.65
N ALA B 75 19.25 -3.34 -31.76
CA ALA B 75 18.64 -4.67 -31.64
C ALA B 75 18.05 -5.10 -32.98
N LYS B 76 17.35 -4.20 -33.65
CA LYS B 76 16.76 -4.58 -34.93
C LYS B 76 17.83 -4.82 -35.99
N SER B 77 18.98 -4.16 -35.89
CA SER B 77 20.08 -4.43 -36.81
C SER B 77 20.68 -5.82 -36.59
N LEU B 78 20.54 -6.40 -35.40
CA LEU B 78 20.90 -7.79 -35.16
C LEU B 78 19.84 -8.75 -35.66
N GLY B 79 18.72 -8.25 -36.17
CA GLY B 79 17.61 -9.08 -36.57
C GLY B 79 16.64 -9.43 -35.47
N LEU B 80 16.74 -8.79 -34.29
CA LEU B 80 15.81 -9.07 -33.21
C LEU B 80 14.52 -8.29 -33.41
N LYS B 81 13.42 -8.91 -33.00
CA LYS B 81 12.18 -8.19 -32.80
C LYS B 81 12.15 -7.65 -31.38
N VAL B 82 11.47 -6.54 -31.17
CA VAL B 82 11.55 -5.81 -29.91
C VAL B 82 10.17 -5.68 -29.29
N ILE B 83 10.08 -6.02 -28.00
CA ILE B 83 8.89 -5.77 -27.18
C ILE B 83 9.29 -4.75 -26.12
N LEU B 84 8.55 -3.64 -26.05
CA LEU B 84 8.85 -2.58 -25.09
C LEU B 84 7.91 -2.68 -23.90
N LYS B 85 8.49 -2.71 -22.69
CA LYS B 85 7.72 -2.94 -21.46
C LYS B 85 8.07 -1.86 -20.43
N PRO B 86 7.39 -0.73 -20.49
CA PRO B 86 7.63 0.32 -19.49
C PRO B 86 6.78 0.09 -18.26
N THR B 87 7.39 -0.18 -17.12
CA THR B 87 6.56 -0.32 -15.93
C THR B 87 7.00 0.69 -14.87
N VAL B 88 6.72 0.43 -13.60
CA VAL B 88 7.00 1.43 -12.56
C VAL B 88 7.43 0.72 -11.29
N ASN B 89 8.39 1.32 -10.59
CA ASN B 89 8.82 0.88 -9.27
C ASN B 89 8.56 1.99 -8.27
N CYS B 90 8.55 1.62 -7.00
CA CYS B 90 8.40 2.57 -5.90
C CYS B 90 9.75 2.86 -5.27
N ARG B 91 10.01 4.15 -5.00
CA ARG B 91 11.30 4.54 -4.42
C ARG B 91 11.51 3.90 -3.05
N ASN B 92 10.44 3.69 -2.29
CA ASN B 92 10.54 3.06 -0.97
C ASN B 92 10.56 1.53 -1.04
N GLY B 93 10.65 0.97 -2.25
CA GLY B 93 10.86 -0.45 -2.43
C GLY B 93 9.61 -1.32 -2.48
N THR B 94 8.43 -0.75 -2.25
CA THR B 94 7.19 -1.52 -2.30
C THR B 94 6.94 -2.07 -3.71
N TRP B 95 6.60 -3.36 -3.79
CA TRP B 95 6.24 -3.98 -5.05
C TRP B 95 5.07 -3.26 -5.69
N ARG B 96 5.17 -3.01 -7.01
CA ARG B 96 4.14 -2.27 -7.72
C ARG B 96 2.77 -2.96 -7.67
N ALA B 97 2.72 -4.25 -7.37
CA ALA B 97 1.44 -4.93 -7.21
C ALA B 97 0.59 -4.31 -6.10
N HIS B 98 1.21 -3.58 -5.18
CA HIS B 98 0.49 -2.96 -4.06
C HIS B 98 0.02 -1.54 -4.37
N ILE B 99 0.38 -0.97 -5.53
CA ILE B 99 -0.10 0.38 -5.85
C ILE B 99 -1.61 0.41 -5.80
N ASN B 100 -2.17 1.35 -5.03
CA ASN B 100 -3.57 1.25 -4.66
C ASN B 100 -4.01 2.57 -4.06
N PHE B 101 -5.29 2.91 -4.24
CA PHE B 101 -5.88 4.13 -3.72
C PHE B 101 -7.29 3.79 -3.23
N PHE B 102 -7.88 4.70 -2.48
CA PHE B 102 -9.22 4.50 -1.97
C PHE B 102 -10.22 4.36 -3.11
N ASP B 103 -11.26 3.55 -2.89
CA ASP B 103 -12.33 3.46 -3.87
C ASP B 103 -12.98 4.82 -4.11
N MET B 104 -13.20 5.58 -3.05
CA MET B 104 -13.81 6.90 -3.11
C MET B 104 -12.73 7.96 -3.31
N ASP B 105 -13.10 9.04 -4.00
CA ASP B 105 -12.26 10.23 -4.05
C ASP B 105 -12.53 11.09 -2.81
N ILE B 106 -11.57 11.15 -1.91
CA ILE B 106 -11.68 11.83 -0.61
C ILE B 106 -10.88 13.11 -0.67
N PRO B 107 -11.41 14.24 -0.18
CA PRO B 107 -10.70 15.53 -0.28
C PRO B 107 -9.33 15.50 0.35
N GLY B 108 -8.33 15.99 -0.40
CA GLY B 108 -6.95 15.97 0.02
C GLY B 108 -6.26 14.63 -0.12
N GLU B 109 -7.01 13.54 -0.48
CA GLU B 109 -6.32 12.25 -0.60
C GLU B 109 -5.93 11.98 -2.05
N PRO B 110 -4.87 11.21 -2.27
CA PRO B 110 -4.55 10.79 -3.64
C PRO B 110 -5.67 9.91 -4.20
N THR B 111 -5.87 10.00 -5.51
CA THR B 111 -6.96 9.33 -6.18
C THR B 111 -6.48 8.46 -7.33
N TRP B 112 -7.31 7.48 -7.69
CA TRP B 112 -7.04 6.67 -8.88
C TRP B 112 -6.91 7.53 -10.13
N ASP B 113 -7.78 8.54 -10.27
CA ASP B 113 -7.73 9.37 -11.48
C ASP B 113 -6.42 10.14 -11.58
N GLU B 114 -5.91 10.62 -10.43
CA GLU B 114 -4.62 11.31 -10.43
C GLU B 114 -3.47 10.37 -10.82
N TRP B 115 -3.45 9.17 -10.23
CA TRP B 115 -2.38 8.23 -10.57
C TRP B 115 -2.46 7.81 -12.02
N PHE B 116 -3.68 7.50 -12.50
CA PHE B 116 -3.81 7.06 -13.88
C PHE B 116 -3.44 8.16 -14.87
N GLU B 117 -3.73 9.41 -14.52
CA GLU B 117 -3.30 10.53 -15.36
C GLU B 117 -1.79 10.49 -15.57
N SER B 118 -1.03 10.34 -14.49
CA SER B 118 0.42 10.36 -14.59
C SER B 118 0.93 9.11 -15.29
N TYR B 119 0.34 7.94 -14.99
CA TYR B 119 0.77 6.69 -15.60
C TYR B 119 0.42 6.66 -17.09
N ILE B 120 -0.77 7.14 -17.46
CA ILE B 120 -1.14 7.22 -18.88
C ILE B 120 -0.18 8.13 -19.63
N ASN B 121 0.18 9.27 -19.05
CA ASN B 121 1.12 10.17 -19.72
C ASN B 121 2.47 9.50 -19.95
N TYR B 122 2.93 8.75 -18.95
CA TYR B 122 4.11 7.90 -19.09
C TYR B 122 3.96 6.90 -20.24
N GLN B 123 2.91 6.09 -20.22
CA GLN B 123 2.75 5.05 -21.22
C GLN B 123 2.61 5.63 -22.63
N LYS B 124 1.92 6.76 -22.75
CA LYS B 124 1.75 7.36 -24.08
C LYS B 124 3.09 7.82 -24.65
N HIS B 125 3.98 8.33 -23.80
CA HIS B 125 5.30 8.74 -24.27
C HIS B 125 6.08 7.55 -24.82
N TYR B 126 6.05 6.42 -24.13
CA TYR B 126 6.78 5.26 -24.64
C TYR B 126 6.04 4.57 -25.77
N ALA B 127 4.72 4.72 -25.84
CA ALA B 127 3.99 4.22 -27.00
C ALA B 127 4.44 4.94 -28.26
N LYS B 128 4.68 6.26 -28.17
CA LYS B 128 5.19 7.00 -29.32
C LYS B 128 6.59 6.52 -29.72
N ILE B 129 7.41 6.16 -28.74
CA ILE B 129 8.74 5.60 -29.05
C ILE B 129 8.60 4.24 -29.71
N ALA B 130 7.68 3.40 -29.20
CA ALA B 130 7.45 2.10 -29.81
C ALA B 130 7.00 2.24 -31.26
N GLU B 131 6.14 3.23 -31.54
CA GLU B 131 5.68 3.48 -32.90
C GLU B 131 6.82 3.95 -33.79
N LYS B 132 7.61 4.92 -33.31
CA LYS B 132 8.72 5.48 -34.08
C LYS B 132 9.75 4.42 -34.42
N THR B 133 9.99 3.48 -33.50
CA THR B 133 11.01 2.46 -33.70
C THR B 133 10.44 1.16 -34.25
N ASN B 134 9.15 1.11 -34.58
CA ASN B 134 8.50 -0.09 -35.13
C ASN B 134 8.63 -1.29 -34.20
N CYS B 135 8.43 -1.07 -32.91
CA CYS B 135 8.47 -2.21 -31.98
C CYS B 135 7.30 -3.15 -32.26
N GLU B 136 7.58 -4.44 -32.16
CA GLU B 136 6.58 -5.46 -32.50
C GLU B 136 5.45 -5.52 -31.48
N MET B 137 5.72 -5.20 -30.22
CA MET B 137 4.70 -5.32 -29.18
C MET B 137 4.99 -4.33 -28.07
N PHE B 138 3.92 -3.91 -27.38
CA PHE B 138 3.99 -2.93 -26.30
C PHE B 138 3.22 -3.48 -25.10
N VAL B 139 3.85 -3.43 -23.93
CA VAL B 139 3.27 -3.97 -22.69
C VAL B 139 2.87 -2.79 -21.80
N VAL B 140 1.57 -2.61 -21.56
CA VAL B 140 1.07 -1.40 -20.90
C VAL B 140 1.10 -1.45 -19.38
N GLY B 141 1.26 -2.62 -18.80
CA GLY B 141 1.39 -2.72 -17.36
C GLY B 141 1.98 -4.06 -17.00
N CYS B 142 2.50 -4.14 -15.78
CA CYS B 142 3.20 -5.33 -15.31
C CYS B 142 2.86 -5.54 -13.84
N GLU B 143 2.19 -6.65 -13.53
CA GLU B 143 1.97 -7.10 -12.15
C GLU B 143 1.26 -6.06 -11.29
N MET B 144 0.33 -5.30 -11.88
CA MET B 144 -0.40 -4.27 -11.13
C MET B 144 -1.65 -4.86 -10.47
N VAL B 145 -1.42 -5.79 -9.54
CA VAL B 145 -2.49 -6.65 -9.04
C VAL B 145 -3.62 -5.83 -8.43
N GLN B 146 -3.29 -4.89 -7.55
CA GLN B 146 -4.36 -4.16 -6.89
C GLN B 146 -5.01 -3.12 -7.79
N ALA B 147 -4.32 -2.70 -8.87
CA ALA B 147 -4.89 -1.73 -9.80
C ALA B 147 -5.73 -2.39 -10.88
N GLU B 148 -5.62 -3.72 -11.03
CA GLU B 148 -6.30 -4.42 -12.11
C GLU B 148 -7.81 -4.33 -12.01
N ARG B 149 -8.35 -4.09 -10.81
CA ARG B 149 -9.80 -3.97 -10.64
C ARG B 149 -10.37 -2.70 -11.26
N ARG B 150 -9.53 -1.70 -11.59
CA ARG B 150 -10.04 -0.46 -12.20
C ARG B 150 -10.16 -0.63 -13.71
N GLU B 151 -11.10 -1.50 -14.09
CA GLU B 151 -11.21 -1.93 -15.48
C GLU B 151 -11.49 -0.75 -16.41
N ASP B 152 -12.30 0.21 -15.97
CA ASP B 152 -12.60 1.39 -16.78
C ASP B 152 -11.34 2.17 -17.10
N LYS B 153 -10.45 2.32 -16.11
CA LYS B 153 -9.26 3.14 -16.31
C LYS B 153 -8.25 2.43 -17.21
N TRP B 154 -8.11 1.12 -17.06
CA TRP B 154 -7.23 0.38 -17.96
C TRP B 154 -7.72 0.43 -19.41
N ARG B 155 -9.04 0.32 -19.60
CA ARG B 155 -9.59 0.47 -20.96
C ARG B 155 -9.34 1.86 -21.52
N GLU B 156 -9.41 2.88 -20.67
CA GLU B 156 -9.05 4.23 -21.11
C GLU B 156 -7.57 4.32 -21.47
N LEU B 157 -6.71 3.76 -20.63
CA LEU B 157 -5.28 3.78 -20.91
C LEU B 157 -4.97 3.09 -22.23
N ILE B 158 -5.59 1.93 -22.46
CA ILE B 158 -5.31 1.17 -23.67
C ILE B 158 -5.76 1.95 -24.90
N ALA B 159 -6.94 2.59 -24.83
CA ALA B 159 -7.40 3.40 -25.95
C ALA B 159 -6.43 4.55 -26.22
N GLU B 160 -5.86 5.13 -25.18
CA GLU B 160 -4.83 6.17 -25.36
C GLU B 160 -3.62 5.62 -26.10
N VAL B 161 -3.14 4.44 -25.67
CA VAL B 161 -1.97 3.84 -26.31
C VAL B 161 -2.26 3.53 -27.77
N ARG B 162 -3.48 3.07 -28.08
CA ARG B 162 -3.82 2.75 -29.46
C ARG B 162 -3.77 3.96 -30.36
N LYS B 163 -4.01 5.15 -29.80
CA LYS B 163 -3.94 6.36 -30.60
C LYS B 163 -2.51 6.73 -30.95
N ASP B 164 -1.52 6.26 -30.18
CA ASP B 164 -0.12 6.54 -30.46
C ASP B 164 0.63 5.40 -31.13
N TYR B 165 0.13 4.17 -31.04
CA TYR B 165 0.90 2.99 -31.40
C TYR B 165 0.01 1.98 -32.12
N ARG B 166 0.48 1.46 -33.24
CA ARG B 166 -0.35 0.61 -34.08
C ARG B 166 -0.02 -0.87 -33.98
N GLY B 167 0.94 -1.25 -33.13
CA GLY B 167 1.36 -2.63 -33.01
C GLY B 167 0.50 -3.44 -32.06
N LEU B 168 1.03 -4.58 -31.63
CA LEU B 168 0.36 -5.45 -30.70
C LEU B 168 0.47 -4.89 -29.29
N VAL B 169 -0.64 -4.88 -28.57
CA VAL B 169 -0.67 -4.33 -27.21
C VAL B 169 -1.07 -5.44 -26.25
N THR B 170 -0.35 -5.53 -25.14
CA THR B 170 -0.65 -6.55 -24.14
C THR B 170 -0.55 -5.94 -22.74
N TYR B 171 -0.89 -6.75 -21.75
CA TYR B 171 -0.74 -6.42 -20.34
C TYR B 171 -0.23 -7.67 -19.63
N ASN B 172 0.72 -7.47 -18.71
CA ASN B 172 1.47 -8.54 -18.03
C ASN B 172 0.87 -8.72 -16.63
N THR B 173 0.09 -9.77 -16.43
CA THR B 173 -0.43 -9.98 -15.09
C THR B 173 0.55 -10.79 -14.25
N ASP B 174 0.35 -10.78 -12.94
CA ASP B 174 1.21 -11.55 -12.07
C ASP B 174 0.80 -13.03 -12.07
N LYS B 175 1.71 -13.87 -11.57
CA LYS B 175 1.41 -15.29 -11.33
C LYS B 175 0.10 -15.44 -10.58
N TYR B 176 -0.69 -16.44 -10.99
CA TYR B 176 -1.99 -16.80 -10.41
C TYR B 176 -3.09 -15.78 -10.69
N GLN B 177 -2.80 -14.65 -11.34
CA GLN B 177 -3.78 -13.58 -11.54
C GLN B 177 -4.32 -13.53 -12.97
N GLU B 178 -4.12 -14.58 -13.76
CA GLU B 178 -4.51 -14.53 -15.17
C GLU B 178 -6.00 -14.22 -15.33
N ASP B 179 -6.85 -14.70 -14.42
CA ASP B 179 -8.28 -14.40 -14.48
C ASP B 179 -8.67 -13.14 -13.71
N ASN B 180 -7.72 -12.48 -13.03
CA ASN B 180 -8.04 -11.25 -12.31
C ASN B 180 -8.23 -10.07 -13.25
N VAL B 181 -7.76 -10.18 -14.50
CA VAL B 181 -7.93 -9.12 -15.49
C VAL B 181 -9.24 -9.37 -16.23
N LYS B 182 -10.12 -8.38 -16.26
CA LYS B 182 -11.35 -8.50 -17.05
C LYS B 182 -11.33 -7.68 -18.33
N PHE B 183 -10.18 -7.13 -18.73
CA PHE B 183 -10.13 -6.32 -19.94
C PHE B 183 -9.29 -6.96 -21.05
N TRP B 184 -9.14 -8.29 -21.03
CA TRP B 184 -8.36 -8.96 -22.07
C TRP B 184 -8.94 -8.72 -23.46
N ASP B 185 -10.27 -8.56 -23.57
CA ASP B 185 -10.87 -8.33 -24.88
C ASP B 185 -10.35 -7.06 -25.55
N ALA B 186 -9.86 -6.09 -24.78
CA ALA B 186 -9.31 -4.86 -25.36
C ALA B 186 -7.86 -5.01 -25.81
N LEU B 187 -7.24 -6.17 -25.63
CA LEU B 187 -5.82 -6.34 -25.91
C LEU B 187 -5.66 -7.36 -27.04
N ASP B 188 -4.45 -7.38 -27.62
CA ASP B 188 -4.18 -8.33 -28.69
C ASP B 188 -3.59 -9.64 -28.20
N VAL B 189 -2.97 -9.64 -27.02
CA VAL B 189 -2.24 -10.79 -26.49
C VAL B 189 -2.46 -10.83 -24.99
N ILE B 190 -2.60 -12.04 -24.44
CA ILE B 190 -2.70 -12.25 -22.99
C ILE B 190 -1.33 -12.67 -22.50
N SER B 191 -0.89 -12.10 -21.37
CA SER B 191 0.44 -12.48 -20.89
C SER B 191 0.48 -12.45 -19.37
N SER B 192 1.39 -13.26 -18.79
CA SER B 192 1.55 -13.28 -17.35
C SER B 192 3.01 -13.54 -16.99
N SER B 193 3.36 -13.23 -15.74
CA SER B 193 4.66 -13.57 -15.18
C SER B 193 4.56 -15.01 -14.68
N GLY B 194 5.07 -15.95 -15.46
CA GLY B 194 4.85 -17.36 -15.17
C GLY B 194 5.83 -18.00 -14.19
N TYR B 195 5.97 -17.39 -13.02
CA TYR B 195 6.90 -17.86 -11.98
C TYR B 195 6.24 -18.96 -11.15
N TYR B 196 6.06 -20.10 -11.76
CA TYR B 196 5.34 -21.17 -11.08
C TYR B 196 6.30 -22.22 -10.53
N PRO B 197 5.95 -22.90 -9.42
CA PRO B 197 6.88 -23.85 -8.82
C PRO B 197 7.14 -25.03 -9.74
N ILE B 198 8.39 -25.54 -9.67
CA ILE B 198 8.83 -26.62 -10.53
C ILE B 198 7.91 -27.84 -10.43
N ASN B 199 7.23 -28.00 -9.29
CA ASN B 199 6.37 -29.17 -9.08
C ASN B 199 4.89 -28.89 -9.27
N ASP B 200 4.51 -27.74 -9.83
CA ASP B 200 3.07 -27.44 -9.92
C ASP B 200 2.64 -26.96 -11.30
N TRP B 201 3.39 -27.27 -12.35
CA TRP B 201 3.04 -26.79 -13.68
C TRP B 201 1.71 -27.35 -14.16
N ASP B 202 1.42 -28.62 -13.88
CA ASP B 202 0.24 -29.23 -14.47
C ASP B 202 -1.03 -28.54 -13.99
N ARG B 203 -1.13 -28.28 -12.69
CA ARG B 203 -2.35 -27.64 -12.17
C ARG B 203 -2.47 -26.21 -12.67
N GLN B 204 -1.35 -25.48 -12.74
CA GLN B 204 -1.43 -24.07 -13.13
C GLN B 204 -1.69 -23.93 -14.62
N LEU B 205 -1.08 -24.77 -15.45
CA LEU B 205 -1.33 -24.69 -16.89
C LEU B 205 -2.78 -25.03 -17.20
N ASP B 206 -3.35 -26.00 -16.50
CA ASP B 206 -4.77 -26.32 -16.74
C ASP B 206 -5.66 -25.14 -16.38
N ARG B 207 -5.36 -24.44 -15.29
CA ARG B 207 -6.15 -23.28 -14.91
C ARG B 207 -5.99 -22.16 -15.93
N ILE B 208 -4.74 -21.87 -16.33
CA ILE B 208 -4.53 -20.80 -17.31
C ILE B 208 -5.18 -21.17 -18.64
N GLU B 209 -5.08 -22.44 -19.05
CA GLU B 209 -5.66 -22.87 -20.31
C GLU B 209 -7.14 -22.51 -20.39
N ALA B 210 -7.87 -22.72 -19.29
CA ALA B 210 -9.30 -22.39 -19.28
C ALA B 210 -9.52 -20.90 -19.38
N VAL B 211 -8.63 -20.09 -18.77
CA VAL B 211 -8.73 -18.64 -18.90
C VAL B 211 -8.54 -18.22 -20.35
N VAL B 212 -7.46 -18.67 -20.97
CA VAL B 212 -7.15 -18.21 -22.33
C VAL B 212 -8.18 -18.75 -23.32
N LYS B 213 -8.80 -19.89 -23.02
CA LYS B 213 -9.80 -20.46 -23.93
C LYS B 213 -11.07 -19.61 -23.96
N GLN B 214 -11.34 -18.84 -22.89
CA GLN B 214 -12.52 -17.98 -22.88
C GLN B 214 -12.39 -16.85 -23.90
N TYR B 215 -11.18 -16.46 -24.25
CA TYR B 215 -10.94 -15.44 -25.25
C TYR B 215 -10.31 -16.08 -26.48
N ASP B 216 -10.24 -15.30 -27.56
CA ASP B 216 -9.63 -15.82 -28.77
C ASP B 216 -8.28 -15.14 -29.00
N LYS B 217 -7.45 -15.12 -27.97
CA LYS B 217 -6.19 -14.37 -28.03
C LYS B 217 -5.00 -15.28 -27.83
N PRO B 218 -3.89 -14.99 -28.49
CA PRO B 218 -2.65 -15.71 -28.17
C PRO B 218 -2.20 -15.36 -26.76
N PHE B 219 -1.37 -16.23 -26.21
CA PHE B 219 -0.88 -16.10 -24.84
C PHE B 219 0.62 -16.35 -24.83
N PHE B 220 1.34 -15.62 -23.99
CA PHE B 220 2.71 -16.05 -23.70
C PHE B 220 3.13 -15.58 -22.33
N PHE B 221 4.22 -16.17 -21.84
CA PHE B 221 4.75 -15.82 -20.53
C PHE B 221 5.78 -14.72 -20.74
N VAL B 222 5.34 -13.46 -20.63
CA VAL B 222 6.24 -12.37 -20.97
C VAL B 222 7.34 -12.22 -19.93
N ALA B 223 7.19 -12.82 -18.75
CA ALA B 223 8.29 -13.01 -17.82
C ALA B 223 8.26 -14.43 -17.29
N ALA B 224 9.45 -15.03 -17.16
CA ALA B 224 9.61 -16.37 -16.61
C ALA B 224 11.10 -16.56 -16.35
N GLY B 225 11.44 -17.35 -15.34
CA GLY B 225 12.83 -17.61 -15.06
C GLY B 225 13.02 -18.06 -13.63
N CYS B 226 14.27 -18.16 -13.24
CA CYS B 226 14.59 -18.74 -11.95
C CYS B 226 16.03 -18.41 -11.57
N PRO B 227 16.29 -17.95 -10.35
CA PRO B 227 17.69 -17.71 -9.95
C PRO B 227 18.43 -19.03 -9.75
N SER B 228 19.75 -18.97 -9.84
CA SER B 228 20.56 -20.16 -9.61
C SER B 228 20.93 -20.23 -8.12
N ARG B 229 19.91 -20.46 -7.31
CA ARG B 229 20.02 -20.59 -5.87
C ARG B 229 19.15 -21.73 -5.37
N SER B 230 19.65 -22.43 -4.34
CA SER B 230 18.91 -23.53 -3.75
C SER B 230 17.62 -23.02 -3.11
N GLY B 231 16.50 -23.63 -3.51
CA GLY B 231 15.19 -23.21 -3.05
C GLY B 231 14.42 -22.38 -4.04
N SER B 232 15.11 -21.75 -5.00
CA SER B 232 14.42 -20.89 -5.94
C SER B 232 13.45 -21.65 -6.84
N ALA B 233 13.71 -22.93 -7.12
CA ALA B 233 12.84 -23.64 -8.05
C ALA B 233 11.41 -23.77 -7.53
N LEU B 234 11.20 -23.65 -6.21
CA LEU B 234 9.85 -23.64 -5.68
C LEU B 234 9.23 -22.25 -5.61
N LEU B 235 10.05 -21.19 -5.54
CA LEU B 235 9.56 -19.82 -5.44
C LEU B 235 10.39 -18.94 -6.38
N PRO B 236 10.27 -19.13 -7.70
CA PRO B 236 11.25 -18.52 -8.63
C PRO B 236 11.08 -17.01 -8.79
N ASN B 237 9.96 -16.45 -8.38
CA ASN B 237 9.76 -15.00 -8.38
C ASN B 237 10.48 -14.29 -7.26
N LYS B 238 10.87 -15.00 -6.20
CA LYS B 238 11.42 -14.38 -5.01
C LYS B 238 12.87 -14.00 -5.25
N TRP B 239 13.09 -12.78 -5.74
CA TRP B 239 14.44 -12.37 -6.08
C TRP B 239 15.30 -12.17 -4.84
N ASP B 240 14.70 -12.04 -3.66
CA ASP B 240 15.44 -11.87 -2.41
C ASP B 240 15.51 -13.16 -1.59
N LEU B 241 15.24 -14.31 -2.19
CA LEU B 241 15.25 -15.58 -1.45
C LEU B 241 16.67 -15.92 -1.00
N GLU B 242 16.80 -16.34 0.26
CA GLU B 242 18.09 -16.75 0.81
C GLU B 242 18.36 -18.21 0.45
N GLY B 243 19.46 -18.45 -0.26
CA GLY B 243 19.84 -19.82 -0.59
C GLY B 243 21.24 -19.90 -1.15
N ALA B 244 21.90 -21.04 -1.00
CA ALA B 244 23.25 -21.19 -1.51
C ALA B 244 23.23 -21.31 -3.03
N ILE B 245 24.39 -21.02 -3.63
CA ILE B 245 24.50 -21.03 -5.09
C ILE B 245 24.20 -22.42 -5.64
N ASN B 246 23.44 -22.47 -6.74
CA ASN B 246 23.02 -23.77 -7.25
C ASN B 246 22.68 -23.62 -8.74
N LEU B 247 23.71 -23.79 -9.57
CA LEU B 247 23.54 -23.70 -11.01
C LEU B 247 22.61 -24.78 -11.53
N GLN B 248 22.69 -25.99 -10.97
CA GLN B 248 21.89 -27.09 -11.48
C GLN B 248 20.40 -26.88 -11.21
N GLU B 249 20.05 -26.28 -10.07
CA GLU B 249 18.65 -26.04 -9.76
C GLU B 249 18.00 -25.15 -10.84
N GLN B 250 18.73 -24.13 -11.30
CA GLN B 250 18.23 -23.27 -12.36
C GLN B 250 18.06 -24.04 -13.67
N ALA B 251 19.04 -24.87 -14.01
CA ALA B 251 18.92 -25.66 -15.24
C ALA B 251 17.77 -26.65 -15.14
N ASP B 252 17.56 -27.24 -13.95
CA ASP B 252 16.44 -28.16 -13.77
C ASP B 252 15.10 -27.44 -13.88
N TYR B 253 15.01 -26.23 -13.32
CA TYR B 253 13.80 -25.43 -13.46
C TYR B 253 13.45 -25.21 -14.92
N TYR B 254 14.43 -24.80 -15.73
CA TYR B 254 14.14 -24.53 -17.13
C TYR B 254 13.75 -25.79 -17.89
N GLN B 255 14.43 -26.92 -17.60
CA GLN B 255 14.12 -28.16 -18.30
C GLN B 255 12.66 -28.57 -18.06
N VAL B 256 12.21 -28.47 -16.81
CA VAL B 256 10.83 -28.81 -16.48
C VAL B 256 9.85 -27.82 -17.11
N MET B 257 10.13 -26.53 -16.97
CA MET B 257 9.27 -25.50 -17.58
C MET B 257 9.06 -25.77 -19.06
N PHE B 258 10.15 -26.03 -19.80
CA PHE B 258 10.01 -26.24 -21.24
C PHE B 258 9.34 -27.58 -21.53
N GLU B 259 9.64 -28.62 -20.76
CA GLU B 259 8.93 -29.90 -20.94
C GLU B 259 7.43 -29.73 -20.74
N LYS B 260 7.04 -29.04 -19.68
CA LYS B 260 5.62 -28.95 -19.35
C LYS B 260 4.87 -28.07 -20.34
N THR B 261 5.48 -26.96 -20.77
CA THR B 261 4.78 -26.06 -21.66
C THR B 261 4.85 -26.49 -23.12
N ALA B 262 5.84 -27.32 -23.49
CA ALA B 262 5.99 -27.68 -24.90
C ALA B 262 4.76 -28.40 -25.42
N SER B 263 4.05 -29.11 -24.55
CA SER B 263 2.89 -29.89 -24.92
C SER B 263 1.60 -29.07 -24.93
N ARG B 264 1.65 -27.81 -24.53
CA ARG B 264 0.48 -26.93 -24.54
C ARG B 264 0.63 -25.96 -25.70
N SER B 265 -0.15 -26.18 -26.75
CA SER B 265 0.04 -25.39 -27.97
C SER B 265 -0.30 -23.92 -27.77
N TRP B 266 -1.10 -23.58 -26.76
CA TRP B 266 -1.45 -22.19 -26.51
C TRP B 266 -0.36 -21.42 -25.75
N VAL B 267 0.66 -22.09 -25.23
CA VAL B 267 1.78 -21.35 -24.63
C VAL B 267 2.60 -20.84 -25.81
N GLY B 268 2.45 -19.55 -26.11
CA GLY B 268 3.02 -18.97 -27.30
C GLY B 268 4.39 -18.36 -27.14
N GLY B 269 5.10 -18.60 -26.04
CA GLY B 269 6.47 -18.14 -25.94
C GLY B 269 6.80 -17.61 -24.56
N PHE B 270 7.99 -17.01 -24.48
CA PHE B 270 8.58 -16.60 -23.21
C PHE B 270 9.35 -15.30 -23.37
N GLY B 271 9.29 -14.45 -22.35
CA GLY B 271 10.25 -13.38 -22.19
C GLY B 271 11.11 -13.70 -20.98
N LEU B 272 12.18 -14.47 -21.17
CA LEU B 272 12.89 -15.00 -20.01
C LEU B 272 13.53 -13.88 -19.20
N TRP B 273 13.53 -14.05 -17.88
CA TRP B 273 14.00 -13.04 -16.94
C TRP B 273 15.30 -13.53 -16.29
N ASP B 274 16.41 -12.79 -16.46
CA ASP B 274 16.57 -11.61 -17.30
C ASP B 274 18.04 -11.55 -17.71
N TRP B 275 18.36 -10.70 -18.67
CA TRP B 275 19.72 -10.57 -19.19
C TRP B 275 20.19 -9.14 -18.91
N GLN B 276 21.24 -9.00 -18.12
CA GLN B 276 21.61 -7.69 -17.64
C GLN B 276 22.34 -6.90 -18.72
N THR B 277 22.07 -5.58 -18.72
CA THR B 277 22.78 -4.67 -19.60
C THR B 277 24.26 -4.68 -19.31
N TYR B 278 24.63 -4.50 -18.04
CA TYR B 278 26.03 -4.59 -17.61
C TYR B 278 26.22 -6.03 -17.13
N LEU B 279 26.68 -6.87 -18.05
CA LEU B 279 26.73 -8.30 -17.84
C LEU B 279 27.98 -8.69 -17.06
N TYR B 280 27.82 -9.62 -16.12
CA TYR B 280 28.98 -10.11 -15.37
C TYR B 280 29.97 -10.80 -16.30
N ASP B 281 31.24 -10.84 -15.87
CA ASP B 281 32.26 -11.58 -16.60
C ASP B 281 31.93 -13.07 -16.58
N GLU B 282 32.16 -13.74 -17.72
CA GLU B 282 31.80 -15.15 -17.81
C GLU B 282 32.54 -15.99 -16.78
N LYS B 283 33.76 -15.60 -16.40
CA LYS B 283 34.49 -16.36 -15.39
C LYS B 283 33.84 -16.27 -14.01
N ASP B 284 32.94 -15.33 -13.79
CA ASP B 284 32.25 -15.22 -12.52
C ASP B 284 30.88 -15.90 -12.53
N ALA B 285 30.48 -16.47 -13.68
CA ALA B 285 29.15 -17.05 -13.81
C ALA B 285 28.93 -18.20 -12.84
N THR B 286 29.95 -19.04 -12.65
CA THR B 286 29.82 -20.20 -11.78
C THR B 286 29.49 -19.83 -10.35
N LYS B 287 29.77 -18.58 -9.95
CA LYS B 287 29.49 -18.09 -8.61
C LYS B 287 28.27 -17.17 -8.56
N ASN B 288 27.64 -16.90 -9.69
CA ASN B 288 26.54 -15.95 -9.73
C ASN B 288 25.25 -16.67 -9.36
N ASP B 289 24.53 -16.13 -8.38
CA ASP B 289 23.30 -16.77 -7.90
C ASP B 289 22.04 -16.03 -8.33
N ASP B 290 22.10 -15.27 -9.42
CA ASP B 290 21.02 -14.41 -9.88
C ASP B 290 20.24 -15.10 -10.99
N TYR B 291 19.30 -14.35 -11.60
CA TYR B 291 18.49 -14.85 -12.70
C TYR B 291 19.27 -15.07 -13.99
N GLY B 292 20.39 -14.39 -14.16
CA GLY B 292 21.14 -14.51 -15.40
C GLY B 292 21.51 -15.95 -15.70
N VAL B 293 21.62 -16.25 -16.97
CA VAL B 293 22.00 -17.59 -17.42
C VAL B 293 23.33 -17.60 -18.14
N PHE B 294 23.89 -16.43 -18.47
CA PHE B 294 25.19 -16.33 -19.11
C PHE B 294 26.23 -17.17 -18.38
N GLY B 295 26.89 -18.06 -19.13
CA GLY B 295 27.92 -18.90 -18.59
C GLY B 295 27.45 -20.05 -17.72
N LYS B 296 26.14 -20.28 -17.63
CA LYS B 296 25.58 -21.28 -16.74
C LYS B 296 24.95 -22.41 -17.53
N PRO B 297 24.76 -23.58 -16.90
CA PRO B 297 24.10 -24.69 -17.61
C PRO B 297 22.74 -24.36 -18.21
N ALA B 298 21.96 -23.49 -17.55
CA ALA B 298 20.65 -23.14 -18.10
C ALA B 298 20.77 -22.50 -19.47
N GLU B 299 21.87 -21.81 -19.74
CA GLU B 299 22.08 -21.19 -21.04
C GLU B 299 21.98 -22.24 -22.16
N ARG B 300 22.60 -23.41 -21.95
CA ARG B 300 22.56 -24.49 -22.93
C ARG B 300 21.13 -24.99 -23.13
N VAL B 301 20.39 -25.13 -22.03
CA VAL B 301 19.03 -25.67 -22.07
C VAL B 301 18.13 -24.74 -22.87
N ILE B 302 18.26 -23.43 -22.65
CA ILE B 302 17.43 -22.46 -23.35
C ILE B 302 17.77 -22.44 -24.84
N LYS B 303 19.06 -22.41 -25.18
CA LYS B 303 19.44 -22.36 -26.59
C LYS B 303 18.92 -23.59 -27.34
N ALA B 304 19.10 -24.77 -26.76
CA ALA B 304 18.60 -25.99 -27.38
C ALA B 304 17.09 -25.91 -27.60
N TYR B 305 16.34 -25.49 -26.57
CA TYR B 305 14.89 -25.45 -26.71
C TYR B 305 14.46 -24.40 -27.73
N TYR B 306 15.06 -23.22 -27.68
CA TYR B 306 14.71 -22.16 -28.62
C TYR B 306 15.05 -22.57 -30.06
N GLN B 307 16.17 -23.28 -30.24
CA GLN B 307 16.51 -23.75 -31.59
C GLN B 307 15.60 -24.88 -32.05
N SER B 308 15.00 -25.62 -31.12
CA SER B 308 14.06 -26.67 -31.47
C SER B 308 12.70 -26.13 -31.88
N ARG B 309 12.44 -24.84 -31.66
CA ARG B 309 11.16 -24.25 -31.97
C ARG B 309 11.26 -23.29 -33.15
#